data_2PSB
#
_entry.id   2PSB
#
_cell.length_a   43.216
_cell.length_b   43.216
_cell.length_c   128.835
_cell.angle_alpha   90.00
_cell.angle_beta   90.00
_cell.angle_gamma   120.00
#
_symmetry.space_group_name_H-M   'P 32'
#
loop_
_entity.id
_entity.type
_entity.pdbx_description
1 polymer 'YerB protein'
2 water water
#
_entity_poly.entity_id   1
_entity_poly.type   'polypeptide(L)'
_entity_poly.pdbx_seq_one_letter_code
;(MSE)QQKDAVPDTAKKLKAPLTGLKTEQKVTERRPVAVVVNNHPKARPQSGLSKADIVIEALAEGQITRFLAIFQSQ
(MSE)PETVGPVRSAREYFVTLSNGFDSIFVHHGWSPGAKKQLESGAADY(MSE)NGLDFDGSLFWRADFSKPPHNSYTS
YDYIKKAAEQKGYKLKQETNPLLFQTSDAKPANESYNVRVDYGTNNVTNLVEYNYDKKAEFYTRSSDGVITTDRETGKPV
A(MSE)QNIFIVEASHHIIDQDGRRDIDLESGGKGLLFQHGNVIETDWKQVNGRIVPVKDGKWLPFVPGKTWINIVPDLD
AASISKGEGVLEHHHHHH
;
_entity_poly.pdbx_strand_id   A
#
# COMPACT_ATOMS: atom_id res chain seq x y z
N LYS A 13 3.87 2.72 26.27
CA LYS A 13 3.01 1.58 26.68
C LYS A 13 2.93 0.51 25.59
N LEU A 14 1.72 0.15 25.19
CA LEU A 14 1.51 -0.87 24.17
C LEU A 14 2.07 -0.52 22.78
N LYS A 15 2.12 -1.51 21.90
CA LYS A 15 2.66 -1.34 20.55
C LYS A 15 1.55 -1.27 19.48
N ALA A 16 1.87 -0.68 18.33
CA ALA A 16 0.92 -0.59 17.24
C ALA A 16 0.96 -1.89 16.44
N PRO A 17 -0.22 -2.43 16.07
CA PRO A 17 -0.39 -3.67 15.32
C PRO A 17 0.38 -3.76 14.00
N LEU A 18 0.30 -2.70 13.22
CA LEU A 18 0.93 -2.70 11.91
C LEU A 18 2.32 -2.10 11.81
N THR A 19 2.88 -1.65 12.93
CA THR A 19 4.21 -1.07 12.92
C THR A 19 5.12 -1.68 13.97
N GLY A 20 4.54 -2.15 15.06
CA GLY A 20 5.35 -2.75 16.11
C GLY A 20 5.98 -1.71 17.03
N LEU A 21 5.72 -0.44 16.74
CA LEU A 21 6.24 0.66 17.54
C LEU A 21 5.24 0.97 18.65
N LYS A 22 5.75 1.45 19.77
CA LYS A 22 4.89 1.78 20.90
C LYS A 22 3.97 2.94 20.59
N THR A 23 2.76 2.92 21.16
CA THR A 23 1.78 3.98 20.95
C THR A 23 0.84 4.12 22.14
N GLU A 24 -0.11 5.04 22.01
CA GLU A 24 -1.08 5.29 23.05
C GLU A 24 -2.25 4.32 23.01
N GLN A 25 -2.89 4.14 24.16
CA GLN A 25 -4.02 3.21 24.29
C GLN A 25 -5.11 3.39 23.24
N LYS A 26 -5.49 4.63 22.97
CA LYS A 26 -6.57 4.91 22.02
C LYS A 26 -6.32 4.40 20.59
N VAL A 27 -5.07 4.42 20.14
CA VAL A 27 -4.77 3.96 18.78
C VAL A 27 -5.02 2.46 18.68
N THR A 28 -4.85 1.78 19.81
CA THR A 28 -5.05 0.33 19.90
C THR A 28 -6.42 -0.10 19.39
N GLU A 29 -7.37 0.83 19.35
CA GLU A 29 -8.70 0.48 18.88
C GLU A 29 -9.08 1.17 17.58
N ARG A 30 -8.18 1.99 17.05
CA ARG A 30 -8.45 2.69 15.81
C ARG A 30 -8.44 1.73 14.63
N ARG A 31 -9.61 1.58 14.00
CA ARG A 31 -9.75 0.70 12.85
C ARG A 31 -8.88 1.14 11.67
N PRO A 32 -8.23 0.18 11.00
CA PRO A 32 -7.38 0.51 9.86
C PRO A 32 -8.18 1.15 8.73
N VAL A 33 -7.54 2.10 8.03
CA VAL A 33 -8.14 2.78 6.88
C VAL A 33 -7.18 2.52 5.71
N ALA A 34 -7.70 1.84 4.69
CA ALA A 34 -6.93 1.49 3.48
C ALA A 34 -7.37 2.36 2.30
N VAL A 35 -6.48 3.23 1.83
CA VAL A 35 -6.80 4.11 0.73
C VAL A 35 -6.09 3.75 -0.58
N VAL A 36 -6.85 3.69 -1.66
CA VAL A 36 -6.27 3.41 -2.96
C VAL A 36 -5.68 4.72 -3.45
N VAL A 37 -4.35 4.76 -3.59
CA VAL A 37 -3.68 5.98 -3.99
C VAL A 37 -3.07 5.95 -5.39
N ASN A 38 -3.44 6.97 -6.17
CA ASN A 38 -2.99 7.20 -7.53
C ASN A 38 -1.45 7.23 -7.62
N ASN A 39 -0.86 6.41 -8.49
CA ASN A 39 0.59 6.47 -8.64
C ASN A 39 0.97 6.78 -10.08
N HIS A 40 0.05 7.43 -10.80
CA HIS A 40 0.32 7.84 -12.16
C HIS A 40 1.29 9.00 -11.99
N PRO A 41 2.28 9.11 -12.89
CA PRO A 41 3.27 10.19 -12.80
C PRO A 41 2.72 11.56 -12.38
N LYS A 42 1.57 11.94 -12.95
CA LYS A 42 0.96 13.23 -12.64
C LYS A 42 0.38 13.36 -11.23
N ALA A 43 0.32 12.25 -10.49
CA ALA A 43 -0.23 12.26 -9.15
C ALA A 43 0.84 12.44 -8.07
N ARG A 44 2.10 12.48 -8.47
CA ARG A 44 3.22 12.60 -7.56
C ARG A 44 3.65 14.04 -7.38
N PRO A 45 3.99 14.44 -6.14
CA PRO A 45 3.99 13.59 -4.94
C PRO A 45 2.58 13.51 -4.36
N GLN A 46 2.27 12.37 -3.73
CA GLN A 46 0.97 12.16 -3.14
C GLN A 46 0.93 12.76 -1.74
N SER A 47 -0.25 12.73 -1.10
CA SER A 47 -0.41 13.25 0.25
C SER A 47 -0.70 12.14 1.27
N GLY A 48 -0.01 12.20 2.41
CA GLY A 48 -0.22 11.23 3.48
C GLY A 48 0.53 9.91 3.51
N LEU A 49 1.36 9.62 2.51
CA LEU A 49 2.09 8.35 2.51
C LEU A 49 3.13 8.19 3.62
N SER A 50 3.52 9.28 4.27
CA SER A 50 4.50 9.19 5.35
C SER A 50 3.85 8.77 6.66
N LYS A 51 2.52 8.80 6.70
CA LYS A 51 1.78 8.41 7.89
C LYS A 51 1.26 6.97 7.79
N ALA A 52 1.40 6.36 6.62
CA ALA A 52 0.92 4.99 6.41
C ALA A 52 1.84 3.94 7.01
N ASP A 53 1.27 2.94 7.67
CA ASP A 53 2.07 1.89 8.27
C ASP A 53 2.54 0.90 7.19
N ILE A 54 1.65 0.62 6.23
CA ILE A 54 1.93 -0.30 5.14
C ILE A 54 1.43 0.29 3.84
N VAL A 55 2.26 0.20 2.81
CA VAL A 55 1.90 0.69 1.50
C VAL A 55 2.17 -0.44 0.52
N ILE A 56 1.18 -0.75 -0.31
CA ILE A 56 1.34 -1.83 -1.30
C ILE A 56 1.22 -1.29 -2.72
N GLU A 57 2.22 -1.56 -3.53
CA GLU A 57 2.25 -1.12 -4.91
C GLU A 57 2.05 -2.32 -5.81
N ALA A 58 1.23 -2.14 -6.83
CA ALA A 58 0.96 -3.23 -7.79
C ALA A 58 0.47 -2.62 -9.10
N LEU A 59 0.60 -3.39 -10.17
CA LEU A 59 0.17 -2.92 -11.48
C LEU A 59 -1.33 -2.75 -11.47
N ALA A 60 -1.79 -1.67 -12.08
CA ALA A 60 -3.22 -1.39 -12.18
C ALA A 60 -3.58 -1.09 -13.63
N GLU A 61 -3.42 0.17 -14.03
CA GLU A 61 -3.73 0.63 -15.39
C GLU A 61 -2.53 0.46 -16.32
N GLY A 62 -2.60 -0.47 -17.26
CA GLY A 62 -1.51 -0.68 -18.19
C GLY A 62 -0.19 -0.95 -17.51
N GLN A 63 0.81 -0.11 -17.77
CA GLN A 63 2.10 -0.30 -17.13
C GLN A 63 2.27 0.64 -15.95
N ILE A 64 1.15 1.19 -15.47
CA ILE A 64 1.19 2.10 -14.34
C ILE A 64 0.79 1.35 -13.07
N THR A 65 1.50 1.62 -11.99
CA THR A 65 1.22 0.98 -10.71
C THR A 65 0.35 1.87 -9.85
N ARG A 66 -0.23 1.28 -8.81
CA ARG A 66 -1.09 2.01 -7.91
C ARG A 66 -0.84 1.51 -6.50
N PHE A 67 -1.08 2.38 -5.52
CA PHE A 67 -0.85 2.06 -4.12
C PHE A 67 -2.12 1.80 -3.30
N LEU A 68 -1.93 1.06 -2.22
CA LEU A 68 -2.97 0.82 -1.22
C LEU A 68 -2.17 1.24 0.01
N ALA A 69 -2.53 2.38 0.59
CA ALA A 69 -1.85 2.88 1.77
C ALA A 69 -2.73 2.59 2.98
N ILE A 70 -2.21 1.74 3.87
CA ILE A 70 -2.94 1.34 5.05
C ILE A 70 -2.47 2.10 6.28
N PHE A 71 -3.39 2.90 6.84
CA PHE A 71 -3.14 3.72 8.01
C PHE A 71 -3.81 3.10 9.23
N GLN A 72 -3.14 3.20 10.37
CA GLN A 72 -3.67 2.66 11.63
C GLN A 72 -3.00 3.38 12.80
N SER A 73 -1.68 3.33 12.88
CA SER A 73 -0.95 3.98 13.97
C SER A 73 -0.86 5.48 13.79
N GLN A 74 -1.07 5.93 12.55
CA GLN A 74 -1.01 7.35 12.23
C GLN A 74 -2.04 7.66 11.17
N MSE A 75 -2.93 8.60 11.48
CA MSE A 75 -3.96 9.00 10.54
C MSE A 75 -3.47 10.24 9.81
O MSE A 75 -2.86 11.12 10.40
CB MSE A 75 -5.27 9.28 11.27
CG MSE A 75 -5.97 8.04 11.79
SE MSE A 75 -6.36 6.74 10.40
CE MSE A 75 -5.85 5.13 11.32
N PRO A 76 -3.73 10.31 8.49
CA PRO A 76 -3.30 11.47 7.72
C PRO A 76 -4.31 12.61 7.69
N GLU A 77 -3.82 13.81 7.38
CA GLU A 77 -4.70 14.98 7.25
C GLU A 77 -5.40 14.70 5.94
N THR A 78 -4.81 15.18 4.84
CA THR A 78 -5.36 14.94 3.52
C THR A 78 -4.60 13.73 2.98
N VAL A 79 -5.25 12.97 2.12
CA VAL A 79 -4.63 11.80 1.54
C VAL A 79 -5.10 11.68 0.09
N GLY A 80 -4.17 11.35 -0.81
CA GLY A 80 -4.53 11.20 -2.21
C GLY A 80 -3.34 11.47 -3.11
N PRO A 81 -3.56 11.65 -4.42
CA PRO A 81 -4.89 11.58 -5.04
C PRO A 81 -5.49 10.18 -4.94
N VAL A 82 -6.81 10.10 -4.83
CA VAL A 82 -7.49 8.82 -4.73
C VAL A 82 -7.75 8.28 -6.12
N ARG A 83 -7.73 6.97 -6.25
CA ARG A 83 -7.93 6.34 -7.55
C ARG A 83 -8.86 5.13 -7.48
N SER A 84 -9.08 4.53 -8.65
CA SER A 84 -9.95 3.37 -8.81
C SER A 84 -9.55 2.14 -8.04
N ALA A 85 -10.54 1.36 -7.62
CA ALA A 85 -10.31 0.13 -6.87
C ALA A 85 -10.19 -1.07 -7.79
N ARG A 86 -9.39 -2.05 -7.36
CA ARG A 86 -9.16 -3.28 -8.11
C ARG A 86 -9.41 -4.42 -7.15
N GLU A 87 -9.79 -5.58 -7.68
CA GLU A 87 -10.05 -6.73 -6.82
C GLU A 87 -8.93 -7.02 -5.84
N TYR A 88 -7.71 -7.17 -6.35
CA TYR A 88 -6.58 -7.45 -5.49
C TYR A 88 -6.42 -6.43 -4.35
N PHE A 89 -6.84 -5.19 -4.57
CA PHE A 89 -6.75 -4.19 -3.51
C PHE A 89 -7.82 -4.41 -2.44
N VAL A 90 -9.01 -4.83 -2.86
CA VAL A 90 -10.07 -5.10 -1.91
C VAL A 90 -9.60 -6.23 -1.01
N THR A 91 -9.02 -7.25 -1.62
CA THR A 91 -8.51 -8.41 -0.92
C THR A 91 -7.40 -8.04 0.07
N LEU A 92 -6.52 -7.14 -0.35
CA LEU A 92 -5.41 -6.70 0.48
C LEU A 92 -5.93 -5.88 1.66
N SER A 93 -6.87 -4.98 1.38
CA SER A 93 -7.46 -4.14 2.41
C SER A 93 -8.07 -5.02 3.49
N ASN A 94 -8.78 -6.07 3.06
CA ASN A 94 -9.46 -6.99 3.96
C ASN A 94 -8.55 -7.74 4.91
N GLY A 95 -7.26 -7.83 4.57
CA GLY A 95 -6.35 -8.52 5.45
C GLY A 95 -6.39 -7.88 6.83
N PHE A 96 -6.92 -6.67 6.90
CA PHE A 96 -7.04 -5.92 8.15
C PHE A 96 -8.47 -5.42 8.39
N ASP A 97 -9.41 -5.90 7.57
CA ASP A 97 -10.83 -5.51 7.68
C ASP A 97 -10.93 -3.99 7.73
N SER A 98 -10.09 -3.34 6.94
CA SER A 98 -10.03 -1.89 6.90
C SER A 98 -11.16 -1.25 6.12
N ILE A 99 -11.44 0.00 6.49
CA ILE A 99 -12.43 0.80 5.80
C ILE A 99 -11.72 1.06 4.47
N PHE A 100 -12.35 0.64 3.38
CA PHE A 100 -11.81 0.77 2.03
C PHE A 100 -12.19 2.07 1.35
N VAL A 101 -11.21 2.94 1.15
CA VAL A 101 -11.45 4.21 0.51
C VAL A 101 -10.90 4.18 -0.91
N HIS A 102 -11.69 4.66 -1.86
CA HIS A 102 -11.28 4.67 -3.26
C HIS A 102 -12.08 5.68 -4.08
N HIS A 103 -11.99 5.54 -5.40
CA HIS A 103 -12.69 6.44 -6.29
C HIS A 103 -12.79 5.79 -7.66
N GLY A 104 -13.94 5.15 -7.90
CA GLY A 104 -14.16 4.45 -9.15
C GLY A 104 -13.77 3.01 -8.90
N TRP A 105 -13.93 2.17 -9.92
CA TRP A 105 -13.60 0.76 -9.77
C TRP A 105 -13.71 -0.02 -11.08
N SER A 106 -13.17 -1.23 -11.07
CA SER A 106 -13.24 -2.09 -12.23
C SER A 106 -14.53 -2.91 -12.05
N PRO A 107 -15.03 -3.53 -13.12
CA PRO A 107 -16.25 -4.32 -13.01
C PRO A 107 -16.21 -5.32 -11.86
N GLY A 108 -15.13 -6.11 -11.83
CA GLY A 108 -14.98 -7.10 -10.78
C GLY A 108 -15.06 -6.48 -9.40
N ALA A 109 -14.29 -5.40 -9.19
CA ALA A 109 -14.29 -4.70 -7.91
C ALA A 109 -15.67 -4.20 -7.50
N LYS A 110 -16.44 -3.75 -8.48
CA LYS A 110 -17.78 -3.25 -8.21
C LYS A 110 -18.66 -4.33 -7.59
N LYS A 111 -18.81 -5.44 -8.30
CA LYS A 111 -19.63 -6.55 -7.84
C LYS A 111 -19.15 -7.04 -6.49
N GLN A 112 -17.84 -7.14 -6.34
CA GLN A 112 -17.22 -7.61 -5.12
C GLN A 112 -17.68 -6.77 -3.93
N LEU A 113 -17.49 -5.46 -4.04
CA LEU A 113 -17.88 -4.55 -2.97
C LEU A 113 -19.40 -4.39 -2.81
N GLU A 114 -20.14 -4.54 -3.91
CA GLU A 114 -21.59 -4.42 -3.82
C GLU A 114 -22.16 -5.71 -3.25
N SER A 115 -21.32 -6.75 -3.20
CA SER A 115 -21.72 -8.04 -2.65
C SER A 115 -21.37 -8.10 -1.17
N GLY A 116 -20.94 -6.96 -0.62
CA GLY A 116 -20.62 -6.88 0.78
C GLY A 116 -19.20 -7.24 1.17
N ALA A 117 -18.27 -7.17 0.22
CA ALA A 117 -16.88 -7.53 0.49
C ALA A 117 -16.22 -6.67 1.56
N ALA A 118 -16.63 -5.41 1.69
CA ALA A 118 -16.02 -4.55 2.69
C ALA A 118 -16.70 -3.19 2.85
N ASP A 119 -16.53 -2.58 4.03
CA ASP A 119 -17.10 -1.27 4.28
C ASP A 119 -16.29 -0.31 3.42
N TYR A 120 -16.91 0.28 2.41
CA TYR A 120 -16.19 1.18 1.52
C TYR A 120 -16.70 2.61 1.45
N MSE A 121 -15.89 3.45 0.82
CA MSE A 121 -16.20 4.85 0.60
C MSE A 121 -15.76 5.11 -0.84
O MSE A 121 -14.57 5.09 -1.16
CB MSE A 121 -15.38 5.72 1.55
CG MSE A 121 -15.73 7.19 1.49
SE MSE A 121 -14.45 8.23 2.42
CE MSE A 121 -14.84 7.57 4.19
N ASN A 122 -16.74 5.36 -1.70
CA ASN A 122 -16.50 5.59 -3.12
C ASN A 122 -16.53 7.07 -3.44
N GLY A 123 -15.42 7.56 -4.00
CA GLY A 123 -15.34 8.95 -4.36
C GLY A 123 -16.51 9.34 -5.24
N LEU A 124 -17.07 8.35 -5.94
CA LEU A 124 -18.20 8.62 -6.80
C LEU A 124 -19.37 9.21 -6.01
N ASP A 125 -19.64 8.63 -4.83
CA ASP A 125 -20.74 9.07 -3.99
C ASP A 125 -20.53 10.32 -3.18
N PHE A 126 -19.28 10.72 -2.97
CA PHE A 126 -18.99 11.89 -2.16
C PHE A 126 -18.23 12.95 -2.91
N ASP A 127 -18.07 12.77 -4.20
CA ASP A 127 -17.34 13.74 -5.01
C ASP A 127 -18.10 15.06 -4.91
N GLY A 128 -17.53 16.01 -4.17
CA GLY A 128 -18.16 17.30 -4.00
C GLY A 128 -18.35 17.65 -2.52
N SER A 129 -18.23 16.65 -1.65
CA SER A 129 -18.39 16.87 -0.23
C SER A 129 -17.24 16.29 0.58
N LEU A 130 -17.31 15.01 0.89
CA LEU A 130 -16.26 14.36 1.67
C LEU A 130 -14.99 14.09 0.85
N PHE A 131 -15.14 14.23 -0.48
CA PHE A 131 -14.04 14.09 -1.43
C PHE A 131 -13.96 15.47 -2.12
N TRP A 132 -12.76 16.01 -2.30
CA TRP A 132 -12.65 17.31 -2.97
C TRP A 132 -11.71 17.23 -4.16
N ARG A 133 -11.75 18.29 -4.98
CA ARG A 133 -10.93 18.40 -6.19
C ARG A 133 -9.85 19.47 -6.04
N ALA A 134 -8.60 19.07 -6.16
CA ALA A 134 -7.48 20.00 -6.04
C ALA A 134 -7.42 20.90 -7.29
N ASP A 135 -7.11 22.18 -7.08
CA ASP A 135 -7.04 23.14 -8.18
C ASP A 135 -5.65 23.28 -8.81
N PHE A 136 -4.65 22.66 -8.23
CA PHE A 136 -3.29 22.75 -8.79
C PHE A 136 -3.07 21.55 -9.71
N SER A 137 -4.10 20.72 -9.84
CA SER A 137 -4.07 19.53 -10.68
C SER A 137 -5.38 19.32 -11.42
N LYS A 138 -5.35 18.53 -12.49
CA LYS A 138 -6.53 18.29 -13.29
C LYS A 138 -7.05 16.87 -13.13
N PRO A 139 -8.35 16.64 -13.43
CA PRO A 139 -8.89 15.29 -13.29
C PRO A 139 -8.15 14.35 -14.22
N PRO A 140 -8.03 13.07 -13.85
CA PRO A 140 -8.55 12.48 -12.61
C PRO A 140 -7.46 12.22 -11.59
N HIS A 141 -6.51 13.15 -11.49
CA HIS A 141 -5.38 13.04 -10.56
C HIS A 141 -5.49 14.15 -9.52
N ASN A 142 -6.68 14.73 -9.39
CA ASN A 142 -6.87 15.83 -8.45
C ASN A 142 -7.90 15.53 -7.37
N SER A 143 -8.20 14.25 -7.16
CA SER A 143 -9.18 13.82 -6.18
C SER A 143 -8.64 13.41 -4.79
N TYR A 144 -8.97 14.19 -3.78
CA TYR A 144 -8.52 13.93 -2.41
C TYR A 144 -9.64 13.88 -1.36
N THR A 145 -9.28 13.38 -0.18
CA THR A 145 -10.16 13.35 0.97
C THR A 145 -9.26 13.52 2.18
N SER A 146 -9.81 13.34 3.38
CA SER A 146 -9.03 13.49 4.61
C SER A 146 -9.57 12.54 5.65
N TYR A 147 -8.77 12.24 6.67
CA TYR A 147 -9.22 11.34 7.72
C TYR A 147 -10.48 11.91 8.38
N ASP A 148 -10.52 13.22 8.54
CA ASP A 148 -11.69 13.86 9.14
C ASP A 148 -12.93 13.61 8.28
N TYR A 149 -12.79 13.74 6.96
CA TYR A 149 -13.93 13.51 6.07
C TYR A 149 -14.25 12.02 5.98
N ILE A 150 -13.22 11.20 6.08
CA ILE A 150 -13.41 9.76 6.04
C ILE A 150 -14.24 9.33 7.25
N LYS A 151 -13.97 9.96 8.39
CA LYS A 151 -14.72 9.65 9.61
C LYS A 151 -16.17 10.05 9.40
N LYS A 152 -16.38 11.24 8.86
CA LYS A 152 -17.74 11.72 8.61
C LYS A 152 -18.51 10.77 7.70
N ALA A 153 -17.83 10.19 6.72
CA ALA A 153 -18.47 9.26 5.81
C ALA A 153 -18.79 7.95 6.53
N ALA A 154 -18.00 7.65 7.55
CA ALA A 154 -18.21 6.42 8.33
C ALA A 154 -19.42 6.66 9.23
N GLU A 155 -19.55 7.88 9.74
CA GLU A 155 -20.67 8.25 10.61
C GLU A 155 -22.03 8.18 9.89
N GLN A 156 -22.01 8.30 8.56
CA GLN A 156 -23.25 8.24 7.79
C GLN A 156 -23.62 6.81 7.39
N LYS A 157 -22.61 6.01 7.09
CA LYS A 157 -22.83 4.61 6.68
C LYS A 157 -22.89 3.67 7.87
N GLY A 158 -22.72 4.21 9.07
CA GLY A 158 -22.74 3.38 10.25
C GLY A 158 -21.58 2.40 10.31
N TYR A 159 -20.43 2.85 9.81
CA TYR A 159 -19.22 2.02 9.81
C TYR A 159 -18.55 2.17 11.15
N LYS A 160 -18.13 1.06 11.73
CA LYS A 160 -17.43 1.09 13.01
C LYS A 160 -16.05 1.70 12.78
N LEU A 161 -15.65 2.61 13.65
CA LEU A 161 -14.36 3.29 13.55
C LEU A 161 -13.35 2.70 14.51
N LYS A 162 -13.83 1.90 15.45
CA LYS A 162 -12.94 1.29 16.42
C LYS A 162 -13.05 -0.20 16.41
N GLN A 163 -11.90 -0.85 16.39
CA GLN A 163 -11.81 -2.29 16.43
C GLN A 163 -10.35 -2.62 16.62
N GLU A 164 -10.08 -3.81 17.17
CA GLU A 164 -8.70 -4.23 17.37
C GLU A 164 -8.34 -5.13 16.21
N THR A 165 -7.13 -4.97 15.69
CA THR A 165 -6.69 -5.80 14.58
C THR A 165 -5.49 -6.64 15.02
N ASN A 166 -5.45 -7.89 14.55
CA ASN A 166 -4.35 -8.78 14.93
C ASN A 166 -3.06 -8.21 14.37
N PRO A 167 -2.07 -7.97 15.24
CA PRO A 167 -0.78 -7.41 14.85
C PRO A 167 0.06 -8.28 13.93
N LEU A 168 1.00 -7.65 13.23
CA LEU A 168 1.91 -8.37 12.38
C LEU A 168 2.99 -8.94 13.29
N LEU A 169 3.92 -9.68 12.69
CA LEU A 169 5.00 -10.28 13.43
C LEU A 169 6.25 -9.43 13.27
N PHE A 170 6.80 -8.98 14.38
CA PHE A 170 7.98 -8.13 14.38
C PHE A 170 9.13 -8.76 15.15
N GLN A 171 10.35 -8.30 14.89
CA GLN A 171 11.53 -8.82 15.56
C GLN A 171 12.03 -7.88 16.66
N THR A 172 13.12 -8.28 17.31
CA THR A 172 13.73 -7.52 18.39
C THR A 172 15.25 -7.52 18.29
N ASN A 179 25.53 -6.36 9.77
CA ASN A 179 25.84 -5.08 9.14
C ASN A 179 25.39 -5.11 7.67
N GLU A 180 26.36 -5.09 6.75
CA GLU A 180 26.07 -5.14 5.32
C GLU A 180 25.06 -4.08 4.87
N SER A 181 24.90 -3.91 3.57
CA SER A 181 23.95 -2.94 3.03
C SER A 181 23.68 -3.14 1.54
N TYR A 182 22.48 -3.63 1.23
CA TYR A 182 22.06 -3.88 -0.15
C TYR A 182 20.87 -3.01 -0.55
N ASN A 183 20.94 -2.43 -1.74
CA ASN A 183 19.85 -1.60 -2.25
C ASN A 183 19.15 -2.40 -3.33
N VAL A 184 17.92 -2.01 -3.67
CA VAL A 184 17.15 -2.71 -4.67
C VAL A 184 16.37 -1.78 -5.61
N ARG A 185 16.18 -2.25 -6.83
CA ARG A 185 15.44 -1.52 -7.86
C ARG A 185 14.36 -2.45 -8.40
N VAL A 186 13.23 -1.87 -8.82
CA VAL A 186 12.13 -2.64 -9.36
C VAL A 186 11.69 -1.98 -10.65
N ASP A 187 11.73 -2.72 -11.75
CA ASP A 187 11.32 -2.18 -13.02
C ASP A 187 9.98 -2.75 -13.46
N TYR A 188 8.99 -1.88 -13.57
CA TYR A 188 7.65 -2.28 -14.00
C TYR A 188 7.45 -1.95 -15.46
N GLY A 189 8.19 -0.98 -15.97
CA GLY A 189 8.06 -0.58 -17.36
C GLY A 189 8.32 -1.69 -18.37
N THR A 190 7.99 -1.43 -19.63
CA THR A 190 8.20 -2.40 -20.70
C THR A 190 9.04 -1.79 -21.83
N ASN A 191 8.98 -2.43 -23.01
CA ASN A 191 9.72 -1.99 -24.18
C ASN A 191 9.77 -0.49 -24.45
N ASN A 192 8.63 0.18 -24.40
CA ASN A 192 8.60 1.62 -24.66
C ASN A 192 8.35 2.45 -23.42
N VAL A 193 7.50 1.96 -22.52
CA VAL A 193 7.20 2.69 -21.29
C VAL A 193 8.14 2.27 -20.17
N THR A 194 8.49 3.21 -19.31
CA THR A 194 9.38 2.94 -18.20
C THR A 194 8.71 3.29 -16.86
N ASN A 195 9.01 2.49 -15.85
CA ASN A 195 8.47 2.68 -14.49
C ASN A 195 9.50 2.02 -13.57
N LEU A 196 10.45 2.81 -13.11
CA LEU A 196 11.53 2.34 -12.24
C LEU A 196 11.42 2.82 -10.80
N VAL A 197 11.44 1.87 -9.87
CA VAL A 197 11.36 2.15 -8.44
C VAL A 197 12.67 1.69 -7.79
N GLU A 198 13.21 2.50 -6.89
CA GLU A 198 14.47 2.15 -6.24
C GLU A 198 14.37 2.40 -4.74
N TYR A 199 15.00 1.52 -3.96
CA TYR A 199 15.00 1.67 -2.52
C TYR A 199 16.45 1.69 -2.08
N ASN A 200 16.83 2.76 -1.40
CA ASN A 200 18.20 2.91 -0.95
C ASN A 200 18.27 2.96 0.56
N TYR A 201 19.03 2.05 1.13
CA TYR A 201 19.19 1.97 2.57
C TYR A 201 20.13 3.05 3.09
N ASP A 202 19.77 3.62 4.23
CA ASP A 202 20.59 4.67 4.84
C ASP A 202 21.16 4.12 6.14
N LYS A 203 22.38 3.59 6.06
CA LYS A 203 23.07 3.03 7.22
C LYS A 203 22.93 3.94 8.43
N LYS A 204 23.21 5.22 8.23
CA LYS A 204 23.10 6.19 9.30
C LYS A 204 21.68 6.24 9.87
N ALA A 205 20.75 6.68 9.04
CA ALA A 205 19.34 6.80 9.41
C ALA A 205 18.74 5.46 9.84
N GLU A 206 19.26 4.37 9.29
CA GLU A 206 18.78 3.03 9.62
C GLU A 206 17.43 2.74 8.96
N PHE A 207 17.21 3.34 7.80
CA PHE A 207 15.98 3.12 7.06
C PHE A 207 16.22 3.25 5.57
N TYR A 208 15.17 2.96 4.79
CA TYR A 208 15.23 3.03 3.34
C TYR A 208 14.56 4.26 2.79
N THR A 209 15.06 4.71 1.68
CA THR A 209 14.52 5.81 0.90
C THR A 209 13.94 5.33 -0.42
N ARG A 210 12.97 5.96 -0.92
CA ARG A 210 12.36 5.54 -2.17
C ARG A 210 12.39 6.63 -3.22
N SER A 211 12.39 6.21 -4.47
CA SER A 211 12.35 7.13 -5.59
C SER A 211 11.68 6.37 -6.73
N SER A 212 11.03 7.11 -7.61
CA SER A 212 10.35 6.52 -8.73
C SER A 212 10.76 7.34 -9.94
N ASP A 213 11.05 6.65 -11.04
CA ASP A 213 11.46 7.30 -12.27
C ASP A 213 12.53 8.38 -12.11
N GLY A 214 13.38 8.25 -11.10
CA GLY A 214 14.44 9.23 -10.90
C GLY A 214 14.23 10.34 -9.89
N VAL A 215 13.04 10.39 -9.27
CA VAL A 215 12.75 11.42 -8.29
C VAL A 215 12.51 10.75 -6.95
N ILE A 216 13.04 11.32 -5.86
CA ILE A 216 12.84 10.70 -4.55
C ILE A 216 11.37 10.84 -4.11
N THR A 217 10.82 9.73 -3.60
CA THR A 217 9.44 9.71 -3.16
C THR A 217 9.24 10.52 -1.88
N THR A 218 8.49 11.60 -2.02
CA THR A 218 8.21 12.49 -0.91
C THR A 218 6.70 12.59 -0.65
N ASP A 219 6.34 13.21 0.48
CA ASP A 219 4.94 13.40 0.85
C ASP A 219 4.66 14.89 0.69
N ARG A 220 3.85 15.24 -0.32
CA ARG A 220 3.53 16.64 -0.56
C ARG A 220 3.20 17.36 0.74
N GLU A 221 2.56 16.66 1.67
CA GLU A 221 2.14 17.26 2.93
C GLU A 221 3.28 17.67 3.88
N THR A 222 4.44 17.01 3.77
CA THR A 222 5.58 17.34 4.60
C THR A 222 6.74 17.89 3.78
N GLY A 223 6.72 17.62 2.48
CA GLY A 223 7.82 18.06 1.64
C GLY A 223 9.05 17.23 2.00
N LYS A 224 8.85 16.22 2.85
CA LYS A 224 9.94 15.36 3.29
C LYS A 224 9.87 13.96 2.68
N PRO A 225 11.03 13.33 2.43
CA PRO A 225 11.02 11.98 1.86
C PRO A 225 10.36 10.97 2.79
N VAL A 226 9.71 9.97 2.22
CA VAL A 226 9.07 8.95 3.05
C VAL A 226 10.16 7.95 3.44
N ALA A 227 9.98 7.28 4.57
CA ALA A 227 10.96 6.31 5.02
C ALA A 227 10.28 5.05 5.57
N MSE A 228 10.81 3.90 5.21
CA MSE A 228 10.25 2.65 5.67
C MSE A 228 11.38 1.75 6.16
O MSE A 228 12.56 2.00 5.88
CB MSE A 228 9.41 1.98 4.57
CG MSE A 228 10.16 1.48 3.35
SE MSE A 228 10.53 2.72 1.88
CE MSE A 228 9.17 4.08 2.17
N GLN A 229 11.04 0.71 6.93
CA GLN A 229 12.05 -0.18 7.47
C GLN A 229 12.03 -1.59 6.89
N ASN A 230 11.11 -1.85 5.96
CA ASN A 230 11.01 -3.16 5.31
C ASN A 230 10.58 -3.03 3.85
N ILE A 231 11.27 -3.74 2.96
CA ILE A 231 10.89 -3.76 1.56
C ILE A 231 10.58 -5.23 1.29
N PHE A 232 9.33 -5.49 0.93
CA PHE A 232 8.86 -6.83 0.69
C PHE A 232 8.39 -6.98 -0.76
N ILE A 233 9.23 -7.63 -1.58
CA ILE A 233 8.92 -7.83 -2.98
C ILE A 233 8.23 -9.16 -3.12
N VAL A 234 6.99 -9.14 -3.60
CA VAL A 234 6.19 -10.34 -3.75
C VAL A 234 5.89 -10.71 -5.21
N GLU A 235 6.12 -11.98 -5.56
CA GLU A 235 5.88 -12.46 -6.92
C GLU A 235 4.54 -13.17 -6.98
N ALA A 236 3.61 -12.57 -7.70
CA ALA A 236 2.26 -13.13 -7.83
C ALA A 236 1.85 -13.22 -9.28
N SER A 237 1.10 -14.28 -9.61
CA SER A 237 0.63 -14.48 -10.97
C SER A 237 -0.38 -13.45 -11.42
N HIS A 238 -0.03 -12.76 -12.50
CA HIS A 238 -0.90 -11.76 -13.09
C HIS A 238 -1.57 -12.49 -14.25
N HIS A 239 -2.89 -12.40 -14.33
CA HIS A 239 -3.65 -13.07 -15.38
C HIS A 239 -4.74 -12.16 -15.94
N ILE A 240 -5.04 -12.28 -17.22
CA ILE A 240 -6.09 -11.46 -17.81
C ILE A 240 -7.39 -12.24 -17.61
N ILE A 241 -8.41 -11.55 -17.11
CA ILE A 241 -9.70 -12.19 -16.86
C ILE A 241 -10.80 -11.33 -17.46
N ASP A 242 -10.40 -10.39 -18.30
CA ASP A 242 -11.32 -9.46 -18.93
C ASP A 242 -11.22 -9.51 -20.45
N GLN A 243 -12.22 -8.95 -21.13
CA GLN A 243 -12.23 -8.91 -22.58
C GLN A 243 -11.49 -7.65 -23.04
N ASP A 244 -11.33 -6.71 -22.12
CA ASP A 244 -10.63 -5.47 -22.41
C ASP A 244 -9.16 -5.64 -22.06
N GLY A 245 -8.84 -6.77 -21.42
CA GLY A 245 -7.46 -7.04 -21.06
C GLY A 245 -7.12 -6.92 -19.59
N ARG A 246 -8.03 -6.36 -18.81
CA ARG A 246 -7.81 -6.18 -17.37
C ARG A 246 -7.25 -7.46 -16.78
N ARG A 247 -6.28 -7.31 -15.88
CA ARG A 247 -5.67 -8.48 -15.26
C ARG A 247 -5.91 -8.53 -13.76
N ASP A 248 -5.93 -9.76 -13.26
CA ASP A 248 -6.11 -10.01 -11.84
C ASP A 248 -4.76 -10.50 -11.33
N ILE A 249 -4.63 -10.61 -10.02
CA ILE A 249 -3.40 -11.05 -9.41
C ILE A 249 -3.71 -12.12 -8.37
N ASP A 250 -3.24 -13.34 -8.63
CA ASP A 250 -3.47 -14.44 -7.72
C ASP A 250 -2.66 -14.22 -6.45
N LEU A 251 -3.35 -13.82 -5.39
CA LEU A 251 -2.73 -13.57 -4.09
C LEU A 251 -3.03 -14.68 -3.10
N GLU A 252 -3.37 -15.85 -3.60
CA GLU A 252 -3.71 -16.96 -2.71
C GLU A 252 -2.82 -18.19 -2.91
N SER A 253 -2.36 -18.39 -4.14
CA SER A 253 -1.52 -19.54 -4.47
C SER A 253 -0.15 -19.55 -3.80
N GLY A 254 0.24 -18.42 -3.21
CA GLY A 254 1.54 -18.37 -2.56
C GLY A 254 2.62 -18.28 -3.62
N GLY A 255 3.88 -18.14 -3.21
CA GLY A 255 4.94 -18.05 -4.19
C GLY A 255 6.24 -17.57 -3.59
N LYS A 256 7.09 -16.97 -4.40
CA LYS A 256 8.37 -16.49 -3.91
C LYS A 256 8.49 -14.98 -3.77
N GLY A 257 9.53 -14.54 -3.07
CA GLY A 257 9.73 -13.13 -2.87
C GLY A 257 11.05 -12.79 -2.22
N LEU A 258 11.30 -11.50 -2.06
CA LEU A 258 12.52 -10.98 -1.47
C LEU A 258 12.18 -10.04 -0.32
N LEU A 259 12.96 -10.11 0.75
CA LEU A 259 12.74 -9.26 1.90
C LEU A 259 14.00 -8.48 2.24
N PHE A 260 13.89 -7.15 2.22
CA PHE A 260 15.01 -6.26 2.52
C PHE A 260 14.77 -5.47 3.79
N GLN A 261 15.66 -5.68 4.75
CA GLN A 261 15.59 -4.98 6.03
C GLN A 261 17.02 -4.85 6.56
N HIS A 262 17.34 -3.72 7.18
CA HIS A 262 18.68 -3.50 7.72
C HIS A 262 19.78 -3.68 6.68
N GLY A 263 19.55 -3.19 5.47
CA GLY A 263 20.55 -3.33 4.44
C GLY A 263 20.68 -4.77 3.99
N ASN A 264 20.03 -5.67 4.73
CA ASN A 264 20.07 -7.10 4.40
C ASN A 264 19.05 -7.45 3.33
N VAL A 265 19.27 -8.60 2.71
CA VAL A 265 18.38 -9.14 1.69
C VAL A 265 18.14 -10.58 2.10
N ILE A 266 16.93 -11.08 1.86
CA ILE A 266 16.57 -12.44 2.23
C ILE A 266 15.72 -13.02 1.15
N GLU A 267 16.13 -14.17 0.61
CA GLU A 267 15.33 -14.82 -0.41
C GLU A 267 14.21 -15.52 0.33
N THR A 268 12.99 -15.40 -0.16
CA THR A 268 11.90 -16.04 0.55
C THR A 268 10.73 -16.44 -0.32
N ASP A 269 9.74 -17.02 0.33
CA ASP A 269 8.50 -17.42 -0.30
C ASP A 269 7.46 -16.60 0.43
N TRP A 270 6.19 -16.86 0.14
CA TRP A 270 5.10 -16.16 0.80
C TRP A 270 3.82 -16.96 0.65
N LYS A 271 3.04 -16.99 1.71
CA LYS A 271 1.76 -17.68 1.71
C LYS A 271 0.75 -16.66 2.19
N GLN A 272 -0.52 -16.94 1.92
CA GLN A 272 -1.56 -16.04 2.38
C GLN A 272 -2.06 -16.66 3.66
N VAL A 273 -2.12 -15.87 4.72
CA VAL A 273 -2.61 -16.33 6.01
C VAL A 273 -3.62 -15.30 6.49
N ASN A 274 -4.88 -15.70 6.49
CA ASN A 274 -5.96 -14.82 6.90
C ASN A 274 -5.98 -13.48 6.16
N GLY A 275 -5.94 -13.55 4.83
CA GLY A 275 -5.98 -12.36 4.00
C GLY A 275 -4.71 -11.54 3.93
N ARG A 276 -3.62 -12.04 4.50
CA ARG A 276 -2.38 -11.31 4.48
C ARG A 276 -1.29 -12.10 3.75
N ILE A 277 -0.39 -11.39 3.09
CA ILE A 277 0.72 -12.01 2.38
C ILE A 277 1.84 -12.14 3.41
N VAL A 278 2.10 -13.37 3.82
CA VAL A 278 3.11 -13.62 4.82
C VAL A 278 4.41 -14.20 4.27
N PRO A 279 5.54 -13.54 4.53
CA PRO A 279 6.82 -14.05 4.04
C PRO A 279 7.18 -15.26 4.91
N VAL A 280 7.50 -16.39 4.28
CA VAL A 280 7.84 -17.57 5.05
C VAL A 280 9.07 -18.25 4.47
N LYS A 281 9.97 -18.69 5.34
CA LYS A 281 11.17 -19.34 4.90
C LYS A 281 11.57 -20.46 5.84
N ASP A 282 11.83 -21.63 5.24
CA ASP A 282 12.22 -22.83 5.96
C ASP A 282 11.17 -23.26 6.95
N GLY A 283 9.92 -23.11 6.53
CA GLY A 283 8.83 -23.52 7.39
C GLY A 283 8.45 -22.56 8.50
N LYS A 284 8.91 -21.32 8.42
CA LYS A 284 8.55 -20.34 9.43
C LYS A 284 8.34 -18.95 8.87
N TRP A 285 7.53 -18.17 9.57
CA TRP A 285 7.23 -16.80 9.19
C TRP A 285 8.48 -15.96 9.45
N LEU A 286 8.81 -15.08 8.51
CA LEU A 286 9.93 -14.17 8.70
C LEU A 286 9.30 -12.93 9.33
N PRO A 287 9.90 -12.40 10.41
CA PRO A 287 9.32 -11.21 11.04
C PRO A 287 9.74 -9.91 10.34
N PHE A 288 9.06 -8.81 10.66
CA PHE A 288 9.39 -7.50 10.10
C PHE A 288 10.07 -6.69 11.19
N VAL A 289 10.86 -5.71 10.76
CA VAL A 289 11.54 -4.79 11.67
C VAL A 289 10.51 -3.74 12.07
N PRO A 290 10.42 -3.38 13.35
CA PRO A 290 9.43 -2.37 13.73
C PRO A 290 9.51 -1.11 12.85
N GLY A 291 8.36 -0.64 12.35
CA GLY A 291 8.35 0.55 11.52
C GLY A 291 7.48 0.42 10.27
N LYS A 292 7.71 1.28 9.31
CA LYS A 292 6.94 1.25 8.07
C LYS A 292 7.41 0.16 7.11
N THR A 293 6.45 -0.42 6.39
CA THR A 293 6.73 -1.48 5.42
C THR A 293 6.14 -1.16 4.06
N TRP A 294 6.95 -1.35 3.02
CA TRP A 294 6.52 -1.15 1.65
C TRP A 294 6.56 -2.47 0.92
N ILE A 295 5.42 -2.88 0.39
CA ILE A 295 5.30 -4.12 -0.35
C ILE A 295 5.15 -3.86 -1.83
N ASN A 296 6.01 -4.50 -2.62
CA ASN A 296 5.98 -4.37 -4.07
C ASN A 296 5.58 -5.68 -4.71
N ILE A 297 4.40 -5.72 -5.31
CA ILE A 297 3.97 -6.93 -5.97
C ILE A 297 4.44 -6.86 -7.43
N VAL A 298 5.09 -7.92 -7.86
CA VAL A 298 5.60 -8.00 -9.24
C VAL A 298 5.19 -9.32 -9.89
N PRO A 299 5.00 -9.32 -11.22
CA PRO A 299 4.62 -10.56 -11.90
C PRO A 299 5.83 -11.46 -12.18
N ASP A 300 7.03 -10.93 -11.94
CA ASP A 300 8.26 -11.69 -12.16
C ASP A 300 9.37 -11.19 -11.23
N LEU A 301 9.77 -12.04 -10.31
CA LEU A 301 10.82 -11.71 -9.35
C LEU A 301 12.08 -11.22 -10.05
N ASP A 302 12.09 -11.33 -11.37
CA ASP A 302 13.21 -10.90 -12.18
C ASP A 302 13.22 -9.39 -12.31
N ALA A 303 12.07 -8.76 -12.06
CA ALA A 303 11.94 -7.32 -12.15
C ALA A 303 12.79 -6.64 -11.09
N ALA A 304 13.16 -7.38 -10.06
CA ALA A 304 13.97 -6.85 -8.97
C ALA A 304 15.45 -7.10 -9.21
N SER A 305 16.30 -6.19 -8.72
CA SER A 305 17.74 -6.30 -8.87
C SER A 305 18.43 -5.62 -7.69
N ILE A 306 19.19 -6.39 -6.92
CA ILE A 306 19.89 -5.85 -5.76
C ILE A 306 21.22 -5.23 -6.16
N SER A 307 21.81 -4.47 -5.25
CA SER A 307 23.09 -3.81 -5.49
C SER A 307 23.76 -3.43 -4.17
N LYS A 308 25.08 -3.49 -4.13
CA LYS A 308 25.83 -3.15 -2.93
C LYS A 308 26.08 -1.64 -2.89
#